data_4KT1
#
_entry.id   4KT1
#
_cell.length_a   91.376
_cell.length_b   91.376
_cell.length_c   87.273
_cell.angle_alpha   90.00
_cell.angle_beta   90.00
_cell.angle_gamma   120.00
#
_symmetry.space_group_name_H-M   'P 32'
#
loop_
_entity.id
_entity.type
_entity.pdbx_description
1 polymer 'Leucine-rich repeat-containing G-protein coupled receptor 4'
2 polymer R-spondin-1
3 branched 2-acetamido-2-deoxy-beta-D-glucopyranose-(1-4)-2-acetamido-2-deoxy-beta-D-glucopyranose
4 non-polymer 2-acetamido-2-deoxy-beta-D-glucopyranose
5 water water
#
loop_
_entity_poly.entity_id
_entity_poly.type
_entity_poly.pdbx_seq_one_letter_code
_entity_poly.pdbx_strand_id
1 'polypeptide(L)'
;PPLCAAPCSCDGDRRVDCSGKGLTAVPEGLSAFTQALDISMNNITQLPEDAFKNFPFLEELQLAGNDLSFIHPKALSGLK
ELKVLTLQNNQLKTVPSEAIRGLSALQSLRLDANHITSVPEDSFEGLVQLRHLWLDDNSLTEVPVHPLSNLPTLQALTLA
LNKISSIPDFAFTNLSSLVVLHLHNNKIRSLSQHCFDGLDNLETLDLNYNNLGEFPQAIKALPSLKELGFHSNSISVIPD
GAFDGNPLLRTIHLYDNPLSFVGNSAFHNLSDLHSLVIRGASMVQQFPNLTGTVHLESLTLTGTKISSIPNNLCQEQKML
RTLDLSYNNIRDLPSFNGCHALEEISLQRNQIYQIKEGTFQGLISLRILDLSRNLIHEIHSRAFATLGPITNLDVSFNEL
TSFPTEGLNGLNQLKLVGNFKLKEALAAKDFVNLRSLSVPYAYQCCAFWGCDSYANLNTEDNSLQDHSVAQEKGTADAAN
VTSTLENEEHSQIIIHCTPSTGHH
;
A
2 'polypeptide(L)'
;ACAKGCELCSEVNGCLKCSPKLFILLERNDIRQVGVCLPSCPPGYFDARNPDMNKCIKCKIEHCEACFSHNFCTKCKEGL
YLHKGRCYPA
;
E
#
# COMPACT_ATOMS: atom_id res chain seq x y z
N PRO A 1 41.54 8.90 -2.64
CA PRO A 1 40.56 9.92 -2.29
C PRO A 1 41.01 11.33 -2.69
N PRO A 2 40.18 12.04 -3.48
CA PRO A 2 40.47 13.41 -3.96
C PRO A 2 40.72 14.41 -2.82
N LEU A 3 41.74 15.25 -2.98
CA LEU A 3 42.09 16.25 -1.96
C LEU A 3 41.02 17.33 -1.76
N CYS A 4 40.52 17.42 -0.53
CA CYS A 4 39.29 18.14 -0.25
C CYS A 4 39.37 18.90 1.08
N ALA A 5 38.85 20.12 1.09
CA ALA A 5 38.83 20.94 2.30
C ALA A 5 38.21 20.20 3.48
N ALA A 6 38.95 20.12 4.60
CA ALA A 6 38.46 19.45 5.78
C ALA A 6 37.24 20.17 6.35
N PRO A 7 36.29 19.44 6.96
CA PRO A 7 36.25 18.01 7.22
C PRO A 7 35.41 17.27 6.18
N CYS A 8 35.31 17.85 4.99
CA CYS A 8 34.48 17.30 3.94
C CYS A 8 35.24 16.24 3.16
N SER A 9 34.49 15.43 2.41
CA SER A 9 35.07 14.55 1.43
C SER A 9 34.42 14.79 0.08
N CYS A 10 35.24 14.75 -0.98
CA CYS A 10 34.79 14.98 -2.34
C CYS A 10 34.92 13.67 -3.11
N ASP A 11 34.09 13.46 -4.12
CA ASP A 11 34.17 12.21 -4.88
C ASP A 11 34.78 12.42 -6.27
N GLY A 12 35.32 13.60 -6.53
CA GLY A 12 35.51 14.04 -7.91
C GLY A 12 34.10 14.26 -8.45
N ASP A 13 33.93 14.59 -9.72
CA ASP A 13 32.58 14.72 -10.27
C ASP A 13 31.70 15.72 -9.48
N ARG A 14 32.36 16.66 -8.78
CA ARG A 14 31.70 17.83 -8.20
C ARG A 14 30.72 17.60 -7.04
N ARG A 15 30.74 16.42 -6.41
CA ARG A 15 29.90 16.22 -5.22
C ARG A 15 30.70 16.35 -3.92
N VAL A 16 30.11 16.98 -2.93
CA VAL A 16 30.80 17.18 -1.67
C VAL A 16 29.96 16.69 -0.52
N ASP A 17 30.53 15.78 0.26
CA ASP A 17 29.86 15.22 1.43
C ASP A 17 30.48 15.77 2.71
N CYS A 18 29.69 16.54 3.45
CA CYS A 18 30.16 17.12 4.70
C CYS A 18 29.12 16.93 5.79
N SER A 19 28.45 15.77 5.76
CA SER A 19 27.40 15.45 6.73
C SER A 19 27.97 14.79 7.99
N GLY A 20 27.33 15.06 9.13
CA GLY A 20 27.74 14.46 10.39
C GLY A 20 29.09 14.92 10.88
N LYS A 21 29.39 16.20 10.69
CA LYS A 21 30.71 16.68 11.05
C LYS A 21 30.67 17.75 12.13
N GLY A 22 29.47 18.03 12.65
CA GLY A 22 29.34 18.98 13.74
C GLY A 22 29.46 20.42 13.31
N LEU A 23 29.39 20.68 12.00
CA LEU A 23 29.44 22.05 11.47
C LEU A 23 28.35 22.92 12.05
N THR A 24 28.65 24.20 12.20
CA THR A 24 27.66 25.17 12.67
C THR A 24 27.48 26.26 11.62
N ALA A 25 28.25 26.14 10.54
CA ALA A 25 28.15 27.06 9.42
C ALA A 25 28.45 26.30 8.13
N VAL A 26 28.02 26.86 7.01
CA VAL A 26 28.37 26.31 5.70
C VAL A 26 29.89 26.19 5.60
N PRO A 27 30.40 25.02 5.15
CA PRO A 27 31.86 24.81 5.11
C PRO A 27 32.55 25.71 4.09
N GLU A 28 33.82 26.01 4.31
CA GLU A 28 34.54 26.88 3.41
C GLU A 28 35.75 26.18 2.85
N GLY A 29 36.28 26.72 1.75
CA GLY A 29 37.44 26.13 1.11
C GLY A 29 37.07 25.15 0.02
N LEU A 30 35.77 25.00 -0.22
CA LEU A 30 35.29 24.11 -1.28
C LEU A 30 35.25 24.85 -2.61
N SER A 31 35.46 24.11 -3.69
CA SER A 31 35.40 24.67 -5.04
C SER A 31 34.04 25.29 -5.34
N ALA A 32 34.03 26.41 -6.05
CA ALA A 32 32.75 27.01 -6.48
C ALA A 32 32.09 26.18 -7.58
N PHE A 33 32.81 25.17 -8.05
CA PHE A 33 32.36 24.32 -9.13
C PHE A 33 31.48 23.21 -8.58
N THR A 34 31.38 23.15 -7.26
CA THR A 34 30.60 22.12 -6.60
C THR A 34 29.14 22.08 -7.05
N GLN A 35 28.65 20.88 -7.32
CA GLN A 35 27.30 20.71 -7.86
C GLN A 35 26.32 20.20 -6.83
N ALA A 36 26.83 19.41 -5.89
CA ALA A 36 26.01 18.87 -4.83
C ALA A 36 26.75 19.00 -3.51
N LEU A 37 26.01 19.42 -2.49
CA LEU A 37 26.60 19.65 -1.19
C LEU A 37 25.70 19.00 -0.17
N ASP A 38 26.25 18.01 0.55
CA ASP A 38 25.52 17.35 1.60
C ASP A 38 26.07 17.84 2.94
N ILE A 39 25.26 18.62 3.65
CA ILE A 39 25.65 19.14 4.96
C ILE A 39 24.59 18.83 6.01
N SER A 40 23.88 17.73 5.77
CA SER A 40 22.91 17.22 6.73
C SER A 40 23.59 16.69 7.99
N MET A 41 22.78 16.55 9.04
CA MET A 41 23.24 15.97 10.30
C MET A 41 24.40 16.75 10.88
N ASN A 42 24.35 18.06 10.72
CA ASN A 42 25.29 18.94 11.42
C ASN A 42 24.55 19.76 12.48
N ASN A 43 25.18 20.83 12.93
CA ASN A 43 24.60 21.70 13.97
C ASN A 43 24.48 23.14 13.47
N ILE A 44 23.92 23.31 12.28
CA ILE A 44 23.66 24.63 11.73
C ILE A 44 22.27 25.10 12.13
N THR A 45 22.22 26.02 13.09
CA THR A 45 20.95 26.48 13.64
C THR A 45 20.46 27.72 12.89
N GLN A 46 21.36 28.33 12.14
CA GLN A 46 21.03 29.56 11.41
C GLN A 46 21.79 29.66 10.09
N LEU A 47 21.08 30.05 9.04
CA LEU A 47 21.74 30.35 7.78
C LEU A 47 21.73 31.84 7.57
N PRO A 48 22.91 32.46 7.55
CA PRO A 48 23.04 33.91 7.37
C PRO A 48 22.91 34.34 5.91
N GLU A 49 22.83 35.65 5.70
CA GLU A 49 22.74 36.22 4.36
C GLU A 49 23.93 35.81 3.51
N ASP A 50 23.65 35.38 2.29
CA ASP A 50 24.69 34.99 1.34
C ASP A 50 25.53 33.82 1.84
N ALA A 51 24.89 32.92 2.58
CA ALA A 51 25.59 31.75 3.10
C ALA A 51 26.11 30.85 1.97
N PHE A 52 25.45 30.91 0.81
CA PHE A 52 25.85 30.07 -0.32
C PHE A 52 26.44 30.85 -1.48
N LYS A 53 27.06 31.99 -1.16
CA LYS A 53 27.61 32.91 -2.15
C LYS A 53 28.68 32.30 -3.05
N ASN A 54 29.49 31.39 -2.52
CA ASN A 54 30.47 30.71 -3.37
C ASN A 54 30.00 29.33 -3.82
N PHE A 55 28.69 29.13 -3.88
CA PHE A 55 28.16 27.92 -4.47
C PHE A 55 27.12 28.20 -5.54
N PRO A 56 27.46 29.05 -6.53
CA PRO A 56 26.42 29.47 -7.49
C PRO A 56 25.87 28.33 -8.33
N PHE A 57 26.59 27.23 -8.43
CA PHE A 57 26.21 26.20 -9.39
C PHE A 57 25.66 24.94 -8.72
N LEU A 58 25.26 25.07 -7.47
CA LEU A 58 24.73 23.95 -6.72
C LEU A 58 23.40 23.48 -7.30
N GLU A 59 23.30 22.18 -7.56
CA GLU A 59 22.04 21.61 -8.03
C GLU A 59 21.31 20.80 -6.94
N GLU A 60 22.05 20.36 -5.93
CA GLU A 60 21.49 19.58 -4.85
C GLU A 60 22.04 20.08 -3.52
N LEU A 61 21.16 20.47 -2.61
CA LEU A 61 21.56 20.99 -1.31
C LEU A 61 20.85 20.25 -0.18
N GLN A 62 21.62 19.60 0.68
CA GLN A 62 21.03 18.80 1.73
C GLN A 62 21.29 19.41 3.09
N LEU A 63 20.21 19.83 3.74
CA LEU A 63 20.25 20.50 5.03
C LEU A 63 19.47 19.74 6.10
N ALA A 64 18.92 18.58 5.75
CA ALA A 64 18.17 17.77 6.71
C ALA A 64 18.93 17.56 8.02
N GLY A 65 18.22 17.56 9.15
CA GLY A 65 18.79 17.17 10.43
C GLY A 65 19.78 18.11 11.10
N ASN A 66 19.57 19.42 10.96
CA ASN A 66 20.50 20.41 11.48
C ASN A 66 19.94 21.24 12.64
N ASP A 67 18.68 20.98 13.01
CA ASP A 67 17.98 21.86 13.96
C ASP A 67 17.99 23.32 13.51
N LEU A 68 17.90 23.50 12.19
CA LEU A 68 17.85 24.79 11.55
C LEU A 68 16.59 25.51 11.98
N SER A 69 16.72 26.67 12.61
CA SER A 69 15.55 27.41 13.05
C SER A 69 15.40 28.75 12.36
N PHE A 70 16.45 29.20 11.68
CA PHE A 70 16.37 30.46 10.97
C PHE A 70 17.12 30.44 9.64
N ILE A 71 16.41 30.80 8.57
CA ILE A 71 17.04 30.99 7.28
C ILE A 71 16.84 32.44 6.90
N HIS A 72 17.95 33.15 6.70
CA HIS A 72 17.91 34.55 6.32
C HIS A 72 17.25 34.69 4.95
N PRO A 73 16.37 35.68 4.80
CA PRO A 73 15.66 35.98 3.55
C PRO A 73 16.54 35.91 2.29
N LYS A 74 17.84 36.11 2.44
CA LYS A 74 18.73 36.11 1.29
C LYS A 74 19.85 35.07 1.44
N ALA A 75 19.62 34.04 2.24
CA ALA A 75 20.63 33.02 2.43
C ALA A 75 20.76 32.17 1.18
N LEU A 76 19.64 31.95 0.50
CA LEU A 76 19.66 31.08 -0.68
C LEU A 76 19.79 31.88 -1.97
N SER A 77 20.30 33.09 -1.84
CA SER A 77 20.56 33.95 -2.99
C SER A 77 21.50 33.30 -3.98
N GLY A 78 21.15 33.43 -5.26
CA GLY A 78 22.05 33.06 -6.33
C GLY A 78 22.01 31.60 -6.74
N LEU A 79 21.25 30.79 -5.99
CA LEU A 79 21.19 29.37 -6.28
C LEU A 79 20.20 29.09 -7.42
N LYS A 80 20.52 29.61 -8.60
CA LYS A 80 19.63 29.55 -9.74
C LYS A 80 19.64 28.20 -10.46
N GLU A 81 20.48 27.27 -10.02
CA GLU A 81 20.49 25.95 -10.63
C GLU A 81 20.06 24.87 -9.66
N LEU A 82 19.59 25.28 -8.49
CA LEU A 82 19.22 24.33 -7.43
C LEU A 82 17.94 23.58 -7.79
N LYS A 83 18.05 22.25 -7.86
CA LYS A 83 16.92 21.42 -8.22
C LYS A 83 16.32 20.77 -6.99
N VAL A 84 17.18 20.40 -6.05
CA VAL A 84 16.79 19.64 -4.88
C VAL A 84 17.25 20.33 -3.61
N LEU A 85 16.30 20.56 -2.70
CA LEU A 85 16.58 21.20 -1.43
C LEU A 85 15.94 20.41 -0.31
N THR A 86 16.74 19.87 0.60
CA THR A 86 16.18 19.06 1.66
C THR A 86 16.34 19.73 3.02
N LEU A 87 15.22 19.99 3.69
CA LEU A 87 15.22 20.64 4.98
C LEU A 87 14.47 19.86 6.07
N GLN A 88 14.28 18.56 5.87
CA GLN A 88 13.53 17.76 6.86
C GLN A 88 14.29 17.61 8.18
N ASN A 89 13.56 17.30 9.25
CA ASN A 89 14.14 17.15 10.57
C ASN A 89 14.89 18.40 11.05
N ASN A 90 14.26 19.54 10.92
CA ASN A 90 14.78 20.79 11.45
C ASN A 90 13.72 21.47 12.30
N GLN A 91 13.93 22.75 12.64
CA GLN A 91 13.06 23.47 13.58
C GLN A 91 12.39 24.66 12.95
N LEU A 92 11.95 24.53 11.70
CA LEU A 92 11.52 25.68 10.91
C LEU A 92 10.25 26.40 11.39
N LYS A 93 9.29 25.66 11.93
CA LYS A 93 8.07 26.24 12.55
C LYS A 93 7.10 26.95 11.60
N THR A 94 7.63 27.58 10.57
CA THR A 94 6.80 28.14 9.51
C THR A 94 7.55 28.01 8.18
N VAL A 95 6.83 27.86 7.07
CA VAL A 95 7.48 27.73 5.77
C VAL A 95 8.29 28.99 5.46
N PRO A 96 9.59 28.82 5.18
CA PRO A 96 10.48 29.97 4.93
C PRO A 96 10.27 30.58 3.54
N SER A 97 9.11 31.20 3.35
CA SER A 97 8.67 31.59 2.02
C SER A 97 9.58 32.61 1.34
N GLU A 98 10.07 33.56 2.12
CA GLU A 98 10.90 34.62 1.58
C GLU A 98 12.22 34.05 1.09
N ALA A 99 12.81 33.16 1.89
CA ALA A 99 14.13 32.63 1.57
C ALA A 99 14.15 31.77 0.31
N ILE A 100 13.07 31.06 0.05
CA ILE A 100 13.03 30.15 -1.11
C ILE A 100 12.41 30.79 -2.34
N ARG A 101 12.16 32.09 -2.27
CA ARG A 101 11.45 32.80 -3.33
C ARG A 101 12.15 32.77 -4.70
N GLY A 102 13.47 32.86 -4.70
CA GLY A 102 14.20 32.93 -5.95
C GLY A 102 14.71 31.61 -6.51
N LEU A 103 14.34 30.49 -5.89
CA LEU A 103 14.84 29.19 -6.34
C LEU A 103 14.10 28.68 -7.57
N SER A 104 14.16 29.45 -8.65
CA SER A 104 13.34 29.18 -9.83
C SER A 104 13.66 27.86 -10.57
N ALA A 105 14.74 27.18 -10.19
CA ALA A 105 15.05 25.88 -10.81
C ALA A 105 14.64 24.69 -9.92
N LEU A 106 14.11 24.97 -8.74
CA LEU A 106 13.81 23.93 -7.75
C LEU A 106 12.74 22.93 -8.23
N GLN A 107 13.04 21.64 -8.08
CA GLN A 107 12.08 20.59 -8.46
C GLN A 107 11.57 19.82 -7.23
N SER A 108 12.42 19.71 -6.23
CA SER A 108 12.12 18.93 -5.04
C SER A 108 12.38 19.77 -3.80
N LEU A 109 11.37 19.90 -2.94
CA LEU A 109 11.48 20.64 -1.68
C LEU A 109 10.95 19.80 -0.54
N ARG A 110 11.84 19.40 0.38
CA ARG A 110 11.45 18.62 1.54
C ARG A 110 11.37 19.48 2.78
N LEU A 111 10.15 19.65 3.30
CA LEU A 111 9.92 20.47 4.48
C LEU A 111 9.23 19.67 5.56
N ASP A 112 9.30 18.34 5.43
CA ASP A 112 8.65 17.51 6.42
C ASP A 112 9.37 17.58 7.76
N ALA A 113 8.64 17.28 8.85
CA ALA A 113 9.24 17.15 10.17
C ALA A 113 9.96 18.42 10.63
N ASN A 114 9.19 19.51 10.74
CA ASN A 114 9.76 20.81 11.06
C ASN A 114 8.90 21.60 12.03
N HIS A 115 7.96 20.93 12.68
CA HIS A 115 7.02 21.62 13.58
C HIS A 115 6.34 22.83 12.95
N ILE A 116 6.08 22.74 11.65
CA ILE A 116 5.42 23.83 10.93
C ILE A 116 3.92 23.91 11.24
N THR A 117 3.47 25.10 11.65
CA THR A 117 2.11 25.30 12.11
C THR A 117 1.37 26.29 11.20
N SER A 118 2.13 27.00 10.40
CA SER A 118 1.56 27.97 9.48
C SER A 118 2.43 28.10 8.25
N VAL A 119 1.77 28.28 7.11
CA VAL A 119 2.44 28.52 5.86
C VAL A 119 1.88 29.82 5.31
N PRO A 120 2.74 30.85 5.18
CA PRO A 120 2.35 32.20 4.72
C PRO A 120 1.71 32.13 3.35
N GLU A 121 0.84 33.08 3.06
CA GLU A 121 0.03 33.06 1.86
C GLU A 121 0.88 33.15 0.60
N ASP A 122 2.04 33.77 0.69
CA ASP A 122 2.89 33.99 -0.49
C ASP A 122 3.84 32.82 -0.75
N SER A 123 3.85 31.83 0.14
CA SER A 123 4.75 30.69 0.01
C SER A 123 4.70 30.07 -1.39
N PHE A 124 5.87 29.71 -1.89
CA PHE A 124 6.02 28.94 -3.13
C PHE A 124 5.88 29.78 -4.41
N GLU A 125 5.61 31.07 -4.27
CA GLU A 125 5.68 31.95 -5.44
C GLU A 125 7.10 31.87 -5.96
N GLY A 126 7.24 31.87 -7.28
CA GLY A 126 8.56 31.77 -7.88
C GLY A 126 9.04 30.36 -8.11
N LEU A 127 8.46 29.39 -7.41
CA LEU A 127 8.83 27.98 -7.63
C LEU A 127 8.21 27.41 -8.91
N VAL A 128 8.56 28.00 -10.05
CA VAL A 128 7.89 27.73 -11.32
C VAL A 128 8.25 26.38 -11.92
N GLN A 129 9.07 25.62 -11.20
CA GLN A 129 9.52 24.31 -11.67
C GLN A 129 9.18 23.19 -10.70
N LEU A 130 8.57 23.52 -9.58
CA LEU A 130 8.45 22.53 -8.51
C LEU A 130 7.66 21.28 -8.95
N ARG A 131 8.25 20.12 -8.72
CA ARG A 131 7.62 18.85 -9.07
C ARG A 131 7.14 18.08 -7.83
N HIS A 132 7.91 18.15 -6.74
CA HIS A 132 7.66 17.32 -5.57
C HIS A 132 7.74 18.15 -4.30
N LEU A 133 6.67 18.13 -3.51
CA LEU A 133 6.64 18.90 -2.27
C LEU A 133 6.25 18.02 -1.08
N TRP A 134 7.08 18.01 -0.05
CA TRP A 134 6.79 17.26 1.16
C TRP A 134 6.51 18.25 2.29
N LEU A 135 5.32 18.15 2.88
CA LEU A 135 5.00 18.97 4.04
C LEU A 135 4.45 18.09 5.13
N ASP A 136 4.81 16.82 5.10
CA ASP A 136 4.26 15.85 6.03
C ASP A 136 4.95 15.85 7.40
N ASP A 137 4.27 15.33 8.42
CA ASP A 137 4.81 15.27 9.77
C ASP A 137 5.10 16.66 10.30
N ASN A 138 4.12 17.54 10.16
CA ASN A 138 4.15 18.87 10.76
C ASN A 138 2.89 19.08 11.58
N SER A 139 2.47 20.32 11.74
CA SER A 139 1.26 20.61 12.49
C SER A 139 0.33 21.56 11.76
N LEU A 140 0.16 21.33 10.45
CA LEU A 140 -0.77 22.12 9.66
C LEU A 140 -2.18 21.79 10.08
N THR A 141 -3.04 22.80 10.18
CA THR A 141 -4.42 22.59 10.59
C THR A 141 -5.38 22.72 9.42
N GLU A 142 -4.83 23.06 8.25
CA GLU A 142 -5.64 23.21 7.05
C GLU A 142 -4.76 23.08 5.81
N VAL A 143 -5.40 22.79 4.68
CA VAL A 143 -4.73 22.83 3.39
C VAL A 143 -4.34 24.26 3.09
N PRO A 144 -3.08 24.50 2.67
CA PRO A 144 -2.57 25.86 2.34
C PRO A 144 -2.90 26.24 0.89
N VAL A 145 -4.13 26.69 0.68
CA VAL A 145 -4.74 26.76 -0.63
C VAL A 145 -4.09 27.77 -1.55
N HIS A 146 -3.93 29.00 -1.09
CA HIS A 146 -3.29 29.97 -1.95
C HIS A 146 -1.83 29.65 -2.26
N PRO A 147 -1.03 29.27 -1.24
CA PRO A 147 0.34 28.84 -1.56
C PRO A 147 0.39 27.75 -2.64
N LEU A 148 -0.47 26.74 -2.57
CA LEU A 148 -0.46 25.67 -3.56
C LEU A 148 -0.94 26.10 -4.94
N SER A 149 -1.66 27.21 -5.02
CA SER A 149 -2.07 27.72 -6.34
C SER A 149 -0.88 28.21 -7.18
N ASN A 150 0.29 28.33 -6.54
CA ASN A 150 1.49 28.81 -7.21
C ASN A 150 2.26 27.70 -7.92
N LEU A 151 1.71 26.48 -7.91
CA LEU A 151 2.48 25.32 -8.32
C LEU A 151 1.82 24.45 -9.40
N PRO A 152 1.50 25.03 -10.56
CA PRO A 152 0.81 24.24 -11.59
C PRO A 152 1.66 23.10 -12.18
N THR A 153 2.96 23.14 -11.95
CA THR A 153 3.84 22.09 -12.41
C THR A 153 3.94 20.95 -11.41
N LEU A 154 3.30 21.09 -10.24
CA LEU A 154 3.50 20.11 -9.17
C LEU A 154 2.97 18.72 -9.51
N GLN A 155 3.81 17.70 -9.31
CA GLN A 155 3.40 16.31 -9.56
C GLN A 155 3.16 15.44 -8.32
N ALA A 156 3.84 15.73 -7.22
CA ALA A 156 3.72 14.91 -6.03
C ALA A 156 3.65 15.76 -4.78
N LEU A 157 2.59 15.57 -4.01
CA LEU A 157 2.35 16.36 -2.82
C LEU A 157 1.93 15.49 -1.64
N THR A 158 2.62 15.63 -0.51
CA THR A 158 2.17 14.99 0.71
C THR A 158 1.91 15.99 1.81
N LEU A 159 0.67 15.98 2.31
CA LEU A 159 0.24 16.75 3.47
C LEU A 159 -0.06 15.76 4.60
N ALA A 160 0.47 14.56 4.49
CA ALA A 160 0.21 13.52 5.49
C ALA A 160 0.72 13.90 6.88
N LEU A 161 0.35 13.09 7.86
CA LEU A 161 0.73 13.31 9.26
C LEU A 161 0.68 14.77 9.72
N ASN A 162 -0.46 15.41 9.53
CA ASN A 162 -0.69 16.77 10.05
C ASN A 162 -2.00 16.78 10.81
N LYS A 163 -2.59 17.96 11.04
CA LYS A 163 -3.84 18.06 11.80
C LYS A 163 -4.97 18.66 10.98
N ILE A 164 -4.97 18.40 9.68
CA ILE A 164 -6.02 18.87 8.80
C ILE A 164 -7.32 18.12 9.11
N SER A 165 -8.42 18.87 9.22
CA SER A 165 -9.69 18.27 9.65
C SER A 165 -10.83 18.45 8.63
N SER A 166 -10.66 19.38 7.71
CA SER A 166 -11.63 19.50 6.63
C SER A 166 -10.98 20.11 5.40
N ILE A 167 -11.58 19.84 4.24
CA ILE A 167 -11.08 20.38 2.98
C ILE A 167 -12.19 21.01 2.17
N PRO A 168 -12.04 22.30 1.88
CA PRO A 168 -13.05 23.14 1.22
C PRO A 168 -13.06 22.97 -0.29
N ASP A 169 -14.12 23.44 -0.96
CA ASP A 169 -14.20 23.41 -2.42
C ASP A 169 -12.99 24.08 -3.05
N PHE A 170 -12.41 23.41 -4.07
CA PHE A 170 -11.36 23.97 -4.91
C PHE A 170 -10.00 24.16 -4.22
N ALA A 171 -9.79 23.39 -3.16
CA ALA A 171 -8.55 23.49 -2.39
C ALA A 171 -7.27 23.21 -3.19
N PHE A 172 -7.38 22.44 -4.29
CA PHE A 172 -6.21 22.09 -5.08
C PHE A 172 -6.41 22.46 -6.54
N THR A 173 -7.29 23.42 -6.80
CA THR A 173 -7.79 23.60 -8.17
C THR A 173 -6.74 23.86 -9.25
N ASN A 174 -5.58 24.38 -8.88
CA ASN A 174 -4.57 24.72 -9.88
C ASN A 174 -3.52 23.65 -10.10
N LEU A 175 -3.56 22.59 -9.29
CA LEU A 175 -2.56 21.55 -9.38
C LEU A 175 -2.84 20.61 -10.55
N SER A 176 -2.80 21.14 -11.76
CA SER A 176 -3.20 20.41 -12.98
C SER A 176 -2.29 19.26 -13.32
N SER A 177 -1.09 19.27 -12.77
CA SER A 177 -0.12 18.24 -13.09
C SER A 177 -0.08 17.20 -11.99
N LEU A 178 -0.77 17.48 -10.89
CA LEU A 178 -0.65 16.62 -9.71
C LEU A 178 -0.98 15.17 -10.03
N VAL A 179 -0.03 14.28 -9.74
CA VAL A 179 -0.19 12.87 -10.05
C VAL A 179 -0.47 12.07 -8.76
N VAL A 180 0.12 12.48 -7.65
CA VAL A 180 -0.06 11.77 -6.39
C VAL A 180 -0.23 12.73 -5.21
N LEU A 181 -1.25 12.48 -4.40
CA LEU A 181 -1.61 13.36 -3.31
C LEU A 181 -1.78 12.54 -2.04
N HIS A 182 -0.97 12.80 -1.02
CA HIS A 182 -1.04 12.07 0.25
C HIS A 182 -1.67 12.91 1.34
N LEU A 183 -2.80 12.43 1.87
CA LEU A 183 -3.52 13.14 2.92
C LEU A 183 -3.69 12.25 4.13
N HIS A 184 -2.95 11.14 4.15
CA HIS A 184 -3.13 10.16 5.19
C HIS A 184 -2.64 10.60 6.58
N ASN A 185 -3.23 10.05 7.63
CA ASN A 185 -2.94 10.44 9.02
C ASN A 185 -3.18 11.91 9.32
N ASN A 186 -4.33 12.41 8.92
CA ASN A 186 -4.78 13.69 9.41
C ASN A 186 -6.02 13.44 10.26
N LYS A 187 -6.86 14.44 10.41
CA LYS A 187 -8.08 14.23 11.17
C LYS A 187 -9.25 14.59 10.29
N ILE A 188 -9.13 14.32 8.99
CA ILE A 188 -10.13 14.81 8.06
C ILE A 188 -11.48 14.17 8.34
N ARG A 189 -12.46 15.01 8.68
CA ARG A 189 -13.81 14.51 8.97
C ARG A 189 -14.79 15.02 7.93
N SER A 190 -14.29 15.85 7.01
CA SER A 190 -15.15 16.55 6.06
C SER A 190 -14.46 16.94 4.75
N LEU A 191 -14.91 16.36 3.64
CA LEU A 191 -14.48 16.75 2.31
C LEU A 191 -15.69 17.26 1.55
N SER A 192 -15.66 18.52 1.10
CA SER A 192 -16.81 19.08 0.40
C SER A 192 -16.90 18.64 -1.05
N GLN A 193 -18.11 18.71 -1.62
CA GLN A 193 -18.43 18.21 -2.97
C GLN A 193 -17.38 18.44 -4.05
N HIS A 194 -16.63 19.53 -3.93
CA HIS A 194 -15.75 19.98 -5.00
C HIS A 194 -14.32 20.23 -4.55
N CYS A 195 -13.93 19.62 -3.45
CA CYS A 195 -12.60 19.86 -2.89
C CYS A 195 -11.45 19.36 -3.80
N PHE A 196 -11.77 18.46 -4.72
CA PHE A 196 -10.75 17.88 -5.60
C PHE A 196 -10.89 18.34 -7.05
N ASP A 197 -11.75 19.31 -7.31
CA ASP A 197 -11.96 19.76 -8.69
C ASP A 197 -10.67 20.36 -9.24
N GLY A 198 -10.27 19.93 -10.44
CA GLY A 198 -9.06 20.44 -11.06
C GLY A 198 -7.94 19.42 -11.12
N LEU A 199 -7.99 18.41 -10.25
CA LEU A 199 -6.96 17.39 -10.21
C LEU A 199 -7.21 16.34 -11.30
N ASP A 200 -7.31 16.78 -12.54
CA ASP A 200 -7.62 15.91 -13.67
C ASP A 200 -6.52 14.93 -14.04
N ASN A 201 -5.32 15.13 -13.52
CA ASN A 201 -4.23 14.23 -13.79
C ASN A 201 -3.92 13.29 -12.63
N LEU A 202 -4.65 13.45 -11.52
CA LEU A 202 -4.33 12.69 -10.31
C LEU A 202 -4.53 11.18 -10.47
N GLU A 203 -3.52 10.40 -10.09
CA GLU A 203 -3.58 8.95 -10.25
C GLU A 203 -3.63 8.22 -8.92
N THR A 204 -3.11 8.86 -7.87
CA THR A 204 -3.07 8.25 -6.55
C THR A 204 -3.58 9.19 -5.48
N LEU A 205 -4.62 8.77 -4.76
CA LEU A 205 -5.16 9.58 -3.67
C LEU A 205 -5.14 8.75 -2.41
N ASP A 206 -4.37 9.20 -1.42
CA ASP A 206 -4.25 8.47 -0.18
C ASP A 206 -4.98 9.22 0.93
N LEU A 207 -6.12 8.69 1.34
CA LEU A 207 -6.86 9.28 2.44
C LEU A 207 -6.88 8.41 3.69
N ASN A 208 -6.00 7.40 3.77
CA ASN A 208 -5.98 6.47 4.91
C ASN A 208 -5.76 7.15 6.25
N TYR A 209 -6.30 6.55 7.31
CA TYR A 209 -6.19 7.08 8.68
C TYR A 209 -6.70 8.50 8.82
N ASN A 210 -7.99 8.67 8.60
CA ASN A 210 -8.64 9.92 8.93
C ASN A 210 -9.94 9.59 9.62
N ASN A 211 -10.85 10.55 9.69
CA ASN A 211 -12.13 10.32 10.34
C ASN A 211 -13.32 10.54 9.41
N LEU A 212 -13.20 10.14 8.16
CA LEU A 212 -14.30 10.23 7.23
C LEU A 212 -15.45 9.35 7.72
N GLY A 213 -16.65 9.91 7.79
CA GLY A 213 -17.79 9.15 8.26
C GLY A 213 -18.77 8.87 7.14
N GLU A 214 -18.49 9.42 5.97
CA GLU A 214 -19.33 9.20 4.80
C GLU A 214 -18.41 9.07 3.58
N PHE A 215 -18.83 8.30 2.58
CA PHE A 215 -18.02 8.21 1.38
C PHE A 215 -18.00 9.57 0.69
N PRO A 216 -16.81 10.00 0.25
CA PRO A 216 -16.60 11.30 -0.40
C PRO A 216 -17.06 11.38 -1.87
N GLN A 217 -18.11 12.14 -2.13
CA GLN A 217 -18.59 12.33 -3.49
C GLN A 217 -17.54 13.05 -4.35
N ALA A 218 -16.67 13.80 -3.68
CA ALA A 218 -15.65 14.63 -4.34
C ALA A 218 -14.67 13.88 -5.25
N ILE A 219 -14.46 12.58 -5.04
CA ILE A 219 -13.58 11.83 -5.92
C ILE A 219 -14.19 11.65 -7.32
N LYS A 220 -15.46 12.03 -7.49
CA LYS A 220 -16.06 11.98 -8.81
C LYS A 220 -15.34 12.90 -9.79
N ALA A 221 -14.51 13.79 -9.28
CA ALA A 221 -13.82 14.78 -10.10
C ALA A 221 -12.42 14.35 -10.49
N LEU A 222 -12.11 13.07 -10.31
CA LEU A 222 -10.77 12.55 -10.52
C LEU A 222 -10.77 11.51 -11.64
N PRO A 223 -10.83 11.97 -12.90
CA PRO A 223 -10.95 11.00 -13.99
C PRO A 223 -9.71 10.12 -14.19
N SER A 224 -8.56 10.55 -13.67
CA SER A 224 -7.34 9.80 -13.89
C SER A 224 -6.97 8.81 -12.79
N LEU A 225 -7.82 8.71 -11.76
CA LEU A 225 -7.49 7.92 -10.58
C LEU A 225 -7.28 6.43 -10.86
N LYS A 226 -6.17 5.90 -10.35
CA LYS A 226 -5.79 4.52 -10.55
C LYS A 226 -5.71 3.82 -9.21
N GLU A 227 -5.28 4.56 -8.19
CA GLU A 227 -5.14 4.00 -6.87
C GLU A 227 -5.81 4.89 -5.80
N LEU A 228 -6.67 4.26 -4.99
CA LEU A 228 -7.43 4.97 -3.99
C LEU A 228 -7.36 4.26 -2.63
N GLY A 229 -6.97 4.99 -1.60
CA GLY A 229 -6.93 4.44 -0.26
C GLY A 229 -7.80 5.26 0.68
N PHE A 230 -8.71 4.59 1.39
CA PHE A 230 -9.44 5.22 2.49
C PHE A 230 -9.63 4.24 3.64
N HIS A 231 -8.62 3.39 3.84
CA HIS A 231 -8.64 2.43 4.93
C HIS A 231 -8.42 3.13 6.26
N SER A 232 -8.97 2.55 7.32
CA SER A 232 -8.87 3.10 8.66
C SER A 232 -9.51 4.47 8.69
N ASN A 233 -10.79 4.47 8.40
CA ASN A 233 -11.63 5.63 8.53
C ASN A 233 -12.90 5.15 9.20
N SER A 234 -13.96 5.92 9.11
CA SER A 234 -15.20 5.57 9.78
C SER A 234 -16.38 5.48 8.79
N ILE A 235 -16.09 5.04 7.58
CA ILE A 235 -17.12 4.96 6.56
C ILE A 235 -17.98 3.71 6.76
N SER A 236 -19.30 3.85 6.67
CA SER A 236 -20.16 2.70 6.90
C SER A 236 -20.90 2.25 5.63
N VAL A 237 -20.98 3.13 4.65
CA VAL A 237 -21.65 2.83 3.38
C VAL A 237 -20.84 3.25 2.15
N ILE A 238 -20.60 2.31 1.24
CA ILE A 238 -20.13 2.67 -0.10
C ILE A 238 -21.31 2.61 -1.07
N PRO A 239 -21.83 3.77 -1.48
CA PRO A 239 -23.12 3.80 -2.16
C PRO A 239 -23.02 3.53 -3.64
N ASP A 240 -24.16 3.24 -4.27
CA ASP A 240 -24.26 3.24 -5.73
C ASP A 240 -23.66 4.51 -6.28
N GLY A 241 -22.90 4.38 -7.36
CA GLY A 241 -22.31 5.54 -8.02
C GLY A 241 -20.98 6.02 -7.44
N ALA A 242 -20.52 5.41 -6.35
CA ALA A 242 -19.35 5.90 -5.66
C ALA A 242 -18.13 6.15 -6.57
N PHE A 243 -17.94 5.30 -7.57
CA PHE A 243 -16.76 5.41 -8.44
C PHE A 243 -17.11 5.70 -9.90
N ASP A 244 -18.23 6.36 -10.14
CA ASP A 244 -18.63 6.69 -11.50
C ASP A 244 -17.66 7.66 -12.15
N GLY A 245 -16.90 8.38 -11.34
CA GLY A 245 -15.93 9.32 -11.85
C GLY A 245 -14.59 8.69 -12.15
N ASN A 246 -14.37 7.45 -11.75
CA ASN A 246 -13.03 6.88 -11.83
C ASN A 246 -12.93 5.54 -12.56
N PRO A 247 -13.14 5.55 -13.89
CA PRO A 247 -13.16 4.30 -14.68
C PRO A 247 -11.81 3.61 -14.72
N LEU A 248 -10.76 4.33 -14.35
CA LEU A 248 -9.44 3.76 -14.43
C LEU A 248 -8.97 3.12 -13.12
N LEU A 249 -9.82 3.08 -12.10
CA LEU A 249 -9.38 2.57 -10.79
C LEU A 249 -8.86 1.14 -10.85
N ARG A 250 -7.62 0.92 -10.40
CA ARG A 250 -7.02 -0.41 -10.40
C ARG A 250 -7.03 -0.94 -8.98
N THR A 251 -6.93 -0.03 -8.02
CA THR A 251 -6.75 -0.44 -6.63
C THR A 251 -7.53 0.43 -5.67
N ILE A 252 -8.33 -0.24 -4.84
CA ILE A 252 -9.12 0.42 -3.81
C ILE A 252 -8.85 -0.21 -2.44
N HIS A 253 -8.33 0.57 -1.51
CA HIS A 253 -8.15 0.10 -0.14
C HIS A 253 -9.26 0.64 0.75
N LEU A 254 -10.11 -0.27 1.22
CA LEU A 254 -11.32 0.11 1.97
C LEU A 254 -11.46 -0.60 3.31
N TYR A 255 -10.43 -1.36 3.70
CA TYR A 255 -10.50 -2.16 4.91
C TYR A 255 -10.36 -1.31 6.18
N ASP A 256 -10.66 -1.91 7.32
CA ASP A 256 -10.67 -1.21 8.59
C ASP A 256 -11.61 0.00 8.55
N ASN A 257 -12.76 -0.21 7.94
CA ASN A 257 -13.88 0.68 8.11
C ASN A 257 -15.03 -0.10 8.73
N PRO A 258 -15.87 0.57 9.54
CA PRO A 258 -17.12 -0.01 10.04
C PRO A 258 -18.11 -0.16 8.87
N LEU A 259 -17.65 -0.82 7.83
CA LEU A 259 -18.40 -0.89 6.60
C LEU A 259 -19.51 -1.90 6.76
N SER A 260 -20.75 -1.47 6.65
CA SER A 260 -21.83 -2.43 6.86
C SER A 260 -22.74 -2.59 5.65
N PHE A 261 -22.70 -1.63 4.75
CA PHE A 261 -23.52 -1.73 3.55
C PHE A 261 -22.80 -1.22 2.31
N VAL A 262 -23.05 -1.86 1.19
CA VAL A 262 -22.53 -1.44 -0.10
C VAL A 262 -23.67 -1.47 -1.10
N GLY A 263 -23.74 -0.46 -1.97
CA GLY A 263 -24.77 -0.39 -2.98
C GLY A 263 -24.53 -1.47 -4.01
N ASN A 264 -25.61 -2.06 -4.53
CA ASN A 264 -25.49 -3.16 -5.47
C ASN A 264 -24.62 -2.87 -6.71
N SER A 265 -24.60 -1.63 -7.17
CA SER A 265 -23.83 -1.29 -8.36
C SER A 265 -22.56 -0.50 -8.07
N ALA A 266 -22.21 -0.37 -6.80
CA ALA A 266 -21.06 0.43 -6.39
C ALA A 266 -19.75 0.05 -7.10
N PHE A 267 -19.63 -1.21 -7.52
CA PHE A 267 -18.40 -1.67 -8.11
C PHE A 267 -18.47 -2.08 -9.59
N HIS A 268 -19.57 -1.71 -10.24
CA HIS A 268 -19.70 -2.01 -11.66
C HIS A 268 -18.87 -1.00 -12.48
N ASN A 269 -18.62 -1.30 -13.75
CA ASN A 269 -17.90 -0.38 -14.63
C ASN A 269 -16.51 -0.03 -14.13
N LEU A 270 -15.77 -1.03 -13.67
CA LEU A 270 -14.39 -0.83 -13.27
C LEU A 270 -13.56 -1.87 -13.99
N SER A 271 -13.25 -1.59 -15.25
CA SER A 271 -12.64 -2.60 -16.11
C SER A 271 -11.23 -2.97 -15.66
N ASP A 272 -10.58 -2.05 -14.94
CA ASP A 272 -9.19 -2.28 -14.48
C ASP A 272 -9.03 -2.76 -13.03
N LEU A 273 -10.13 -2.84 -12.27
CA LEU A 273 -10.06 -3.32 -10.89
C LEU A 273 -9.53 -4.75 -10.80
N HIS A 274 -8.47 -4.96 -10.03
CA HIS A 274 -7.89 -6.30 -10.00
C HIS A 274 -8.25 -7.09 -8.77
N SER A 275 -8.81 -6.42 -7.78
CA SER A 275 -9.16 -7.09 -6.55
C SER A 275 -10.31 -6.37 -5.89
N LEU A 276 -11.26 -7.14 -5.38
CA LEU A 276 -12.35 -6.59 -4.61
C LEU A 276 -12.48 -7.45 -3.37
N VAL A 277 -12.18 -6.85 -2.22
CA VAL A 277 -12.20 -7.61 -0.98
C VAL A 277 -13.01 -6.86 0.06
N ILE A 278 -14.20 -7.36 0.35
CA ILE A 278 -15.08 -6.71 1.30
C ILE A 278 -15.47 -7.69 2.38
N ARG A 279 -15.11 -7.40 3.62
CA ARG A 279 -15.45 -8.26 4.74
C ARG A 279 -16.32 -7.56 5.75
N GLY A 280 -17.38 -8.23 6.19
CA GLY A 280 -18.18 -7.73 7.29
C GLY A 280 -19.28 -6.78 6.92
N ALA A 281 -19.58 -6.62 5.62
CA ALA A 281 -20.67 -5.73 5.25
C ALA A 281 -22.00 -6.44 5.52
N SER A 282 -22.38 -6.44 6.78
CA SER A 282 -23.41 -7.37 7.27
C SER A 282 -24.80 -7.09 6.73
N MET A 283 -24.99 -5.91 6.15
CA MET A 283 -26.30 -5.57 5.63
C MET A 283 -26.48 -5.87 4.14
N VAL A 284 -25.40 -6.27 3.46
CA VAL A 284 -25.54 -6.64 2.05
C VAL A 284 -26.36 -7.94 1.90
N GLN A 285 -27.37 -7.91 1.03
CA GLN A 285 -28.28 -9.04 0.83
C GLN A 285 -28.10 -9.68 -0.54
N GLN A 286 -27.71 -8.86 -1.51
CA GLN A 286 -27.55 -9.34 -2.88
C GLN A 286 -26.09 -9.31 -3.32
N PHE A 287 -25.70 -10.33 -4.09
CA PHE A 287 -24.37 -10.38 -4.69
C PHE A 287 -24.17 -9.15 -5.58
N PRO A 288 -23.06 -8.43 -5.40
CA PRO A 288 -22.80 -7.21 -6.18
C PRO A 288 -22.92 -7.40 -7.69
N ASN A 289 -23.38 -6.33 -8.34
CA ASN A 289 -23.41 -6.25 -9.78
C ASN A 289 -21.99 -5.92 -10.28
N LEU A 290 -21.40 -6.85 -11.02
CA LEU A 290 -20.03 -6.68 -11.49
C LEU A 290 -19.93 -6.53 -13.00
N THR A 291 -20.98 -6.08 -13.68
CA THR A 291 -20.82 -5.94 -15.11
C THR A 291 -19.83 -4.82 -15.40
N GLY A 292 -18.96 -5.07 -16.38
CA GLY A 292 -17.93 -4.11 -16.72
C GLY A 292 -16.77 -4.19 -15.76
N THR A 293 -16.87 -5.05 -14.75
CA THR A 293 -15.79 -5.31 -13.80
C THR A 293 -15.40 -6.79 -13.84
N VAL A 294 -14.71 -7.19 -14.91
CA VAL A 294 -14.52 -8.62 -15.17
C VAL A 294 -13.06 -9.03 -15.27
N HIS A 295 -12.18 -8.25 -14.64
CA HIS A 295 -10.77 -8.62 -14.56
C HIS A 295 -10.29 -8.74 -13.12
N LEU A 296 -11.21 -9.07 -12.23
CA LEU A 296 -10.85 -9.34 -10.84
C LEU A 296 -9.98 -10.60 -10.78
N GLU A 297 -8.90 -10.50 -10.01
CA GLU A 297 -8.01 -11.63 -9.79
C GLU A 297 -8.47 -12.31 -8.49
N SER A 298 -9.01 -11.50 -7.60
CA SER A 298 -9.50 -11.95 -6.32
C SER A 298 -10.85 -11.33 -5.98
N LEU A 299 -11.78 -12.17 -5.57
CA LEU A 299 -13.07 -11.69 -5.11
C LEU A 299 -13.33 -12.28 -3.73
N THR A 300 -13.56 -11.40 -2.77
CA THR A 300 -13.85 -11.83 -1.42
C THR A 300 -15.05 -11.07 -0.89
N LEU A 301 -16.13 -11.78 -0.62
CA LEU A 301 -17.30 -11.20 0.04
C LEU A 301 -17.67 -12.06 1.22
N THR A 302 -17.62 -11.47 2.40
CA THR A 302 -17.62 -12.21 3.65
C THR A 302 -18.49 -11.50 4.68
N GLY A 303 -19.22 -12.28 5.48
CA GLY A 303 -20.01 -11.73 6.57
C GLY A 303 -21.26 -10.99 6.13
N THR A 304 -21.87 -11.42 5.03
CA THR A 304 -23.07 -10.77 4.52
C THR A 304 -24.30 -11.68 4.58
N LYS A 305 -25.43 -11.17 4.10
CA LYS A 305 -26.66 -11.94 4.08
C LYS A 305 -26.91 -12.50 2.68
N ILE A 306 -25.87 -12.50 1.86
CA ILE A 306 -25.97 -13.01 0.49
C ILE A 306 -26.29 -14.50 0.54
N SER A 307 -27.26 -14.95 -0.27
CA SER A 307 -27.66 -16.35 -0.25
C SER A 307 -27.60 -17.00 -1.63
N SER A 308 -27.08 -16.28 -2.60
CA SER A 308 -27.13 -16.74 -3.98
C SER A 308 -25.96 -16.15 -4.79
N ILE A 309 -25.29 -16.99 -5.59
CA ILE A 309 -24.22 -16.53 -6.48
C ILE A 309 -24.75 -16.53 -7.91
N PRO A 310 -24.57 -15.42 -8.65
CA PRO A 310 -25.18 -15.40 -9.98
C PRO A 310 -24.51 -16.40 -10.93
N ASN A 311 -25.27 -16.96 -11.87
CA ASN A 311 -24.74 -17.94 -12.81
C ASN A 311 -23.64 -17.37 -13.70
N ASN A 312 -23.66 -16.06 -13.91
CA ASN A 312 -22.72 -15.47 -14.83
C ASN A 312 -21.36 -15.12 -14.25
N LEU A 313 -21.15 -15.41 -12.96
CA LEU A 313 -19.89 -15.08 -12.29
C LEU A 313 -18.74 -15.71 -13.05
N CYS A 314 -18.91 -16.98 -13.43
CA CYS A 314 -17.82 -17.70 -14.07
C CYS A 314 -17.82 -17.61 -15.60
N GLN A 315 -18.89 -17.07 -16.17
CA GLN A 315 -18.92 -16.86 -17.60
C GLN A 315 -18.32 -15.50 -17.91
N GLU A 316 -18.21 -14.65 -16.90
CA GLU A 316 -17.76 -13.29 -17.14
C GLU A 316 -16.36 -12.98 -16.63
N GLN A 317 -16.05 -13.41 -15.40
CA GLN A 317 -14.72 -13.21 -14.84
C GLN A 317 -13.65 -13.91 -15.67
N LYS A 318 -12.62 -13.18 -16.04
CA LYS A 318 -11.67 -13.66 -17.05
C LYS A 318 -10.42 -14.25 -16.43
N MET A 319 -10.03 -13.73 -15.27
CA MET A 319 -8.78 -14.14 -14.66
C MET A 319 -8.91 -14.39 -13.17
N LEU A 320 -10.06 -14.90 -12.75
CA LEU A 320 -10.33 -15.01 -11.32
C LEU A 320 -9.53 -16.18 -10.74
N ARG A 321 -8.61 -15.85 -9.83
CA ARG A 321 -7.69 -16.83 -9.27
C ARG A 321 -8.12 -17.29 -7.89
N THR A 322 -8.62 -16.35 -7.08
CA THR A 322 -9.14 -16.70 -5.76
C THR A 322 -10.55 -16.17 -5.55
N LEU A 323 -11.40 -17.02 -4.97
CA LEU A 323 -12.77 -16.68 -4.66
C LEU A 323 -13.04 -17.08 -3.23
N ASP A 324 -13.41 -16.10 -2.42
CA ASP A 324 -13.78 -16.33 -1.04
C ASP A 324 -15.17 -15.77 -0.78
N LEU A 325 -16.14 -16.66 -0.61
CA LEU A 325 -17.53 -16.29 -0.34
C LEU A 325 -17.97 -16.95 0.97
N SER A 326 -17.02 -17.07 1.88
CA SER A 326 -17.26 -17.70 3.17
C SER A 326 -18.08 -16.82 4.09
N TYR A 327 -18.75 -17.47 5.03
CA TYR A 327 -19.48 -16.77 6.08
C TYR A 327 -20.58 -15.88 5.50
N ASN A 328 -21.46 -16.49 4.71
CA ASN A 328 -22.63 -15.83 4.19
C ASN A 328 -23.84 -16.71 4.46
N ASN A 329 -24.84 -16.66 3.59
CA ASN A 329 -25.99 -17.53 3.75
C ASN A 329 -26.29 -18.29 2.46
N ILE A 330 -25.24 -18.66 1.76
CA ILE A 330 -25.35 -19.31 0.47
C ILE A 330 -25.87 -20.75 0.62
N ARG A 331 -26.85 -21.10 -0.19
CA ARG A 331 -27.47 -22.43 -0.12
C ARG A 331 -27.19 -23.23 -1.40
N ASP A 332 -27.57 -22.68 -2.54
CA ASP A 332 -27.28 -23.33 -3.82
C ASP A 332 -26.01 -22.81 -4.45
N LEU A 333 -25.38 -23.64 -5.28
CA LEU A 333 -24.17 -23.25 -5.98
C LEU A 333 -24.38 -23.29 -7.48
N PRO A 334 -23.96 -22.24 -8.18
CA PRO A 334 -23.99 -22.26 -9.65
C PRO A 334 -22.82 -23.11 -10.16
N SER A 335 -22.63 -23.19 -11.47
CA SER A 335 -21.48 -23.94 -11.96
C SER A 335 -20.28 -23.05 -11.94
N PHE A 336 -19.14 -23.63 -11.61
CA PHE A 336 -17.90 -22.88 -11.63
C PHE A 336 -17.12 -23.21 -12.91
N ASN A 337 -17.74 -23.94 -13.81
CA ASN A 337 -17.14 -24.13 -15.12
C ASN A 337 -17.05 -22.78 -15.82
N GLY A 338 -15.89 -22.51 -16.42
CA GLY A 338 -15.61 -21.19 -16.94
C GLY A 338 -14.48 -20.53 -16.17
N CYS A 339 -14.45 -20.74 -14.86
CA CYS A 339 -13.41 -20.14 -14.03
C CYS A 339 -12.10 -20.94 -14.10
N HIS A 340 -11.47 -20.92 -15.28
CA HIS A 340 -10.34 -21.81 -15.56
C HIS A 340 -9.06 -21.41 -14.82
N ALA A 341 -9.01 -20.18 -14.32
CA ALA A 341 -7.82 -19.70 -13.63
C ALA A 341 -7.97 -19.83 -12.13
N LEU A 342 -9.12 -20.38 -11.72
CA LEU A 342 -9.54 -20.38 -10.33
C LEU A 342 -8.77 -21.42 -9.50
N GLU A 343 -8.04 -20.95 -8.49
CA GLU A 343 -7.09 -21.79 -7.75
C GLU A 343 -7.54 -22.06 -6.32
N GLU A 344 -8.12 -21.05 -5.68
CA GLU A 344 -8.60 -21.20 -4.32
C GLU A 344 -10.06 -20.80 -4.23
N ILE A 345 -10.87 -21.73 -3.72
CA ILE A 345 -12.29 -21.46 -3.46
C ILE A 345 -12.66 -21.68 -2.01
N SER A 346 -13.15 -20.63 -1.37
CA SER A 346 -13.56 -20.72 0.02
C SER A 346 -15.06 -20.56 0.14
N LEU A 347 -15.74 -21.57 0.66
CA LEU A 347 -17.18 -21.47 0.83
C LEU A 347 -17.60 -21.89 2.23
N GLN A 348 -16.67 -21.80 3.20
CA GLN A 348 -16.97 -22.13 4.60
C GLN A 348 -18.12 -21.32 5.13
N ARG A 349 -18.82 -21.90 6.09
CA ARG A 349 -19.75 -21.17 6.92
C ARG A 349 -20.90 -20.61 6.10
N ASN A 350 -21.48 -21.46 5.28
CA ASN A 350 -22.70 -21.12 4.55
C ASN A 350 -23.79 -22.16 4.84
N GLN A 351 -24.75 -22.32 3.94
CA GLN A 351 -25.80 -23.31 4.16
C GLN A 351 -25.90 -24.33 3.02
N ILE A 352 -24.78 -24.63 2.38
CA ILE A 352 -24.74 -25.56 1.28
C ILE A 352 -25.09 -26.97 1.79
N TYR A 353 -26.04 -27.61 1.12
CA TYR A 353 -26.51 -28.93 1.57
C TYR A 353 -26.13 -30.06 0.61
N GLN A 354 -25.71 -29.72 -0.60
CA GLN A 354 -25.33 -30.75 -1.57
C GLN A 354 -24.30 -30.26 -2.57
N ILE A 355 -23.52 -31.19 -3.09
CA ILE A 355 -22.57 -30.91 -4.17
C ILE A 355 -22.89 -31.82 -5.35
N LYS A 356 -23.30 -31.21 -6.44
CA LYS A 356 -23.72 -31.98 -7.61
C LYS A 356 -22.51 -32.21 -8.49
N GLU A 357 -22.65 -33.12 -9.45
CA GLU A 357 -21.52 -33.47 -10.31
C GLU A 357 -20.92 -32.29 -11.05
N GLY A 358 -21.76 -31.39 -11.53
CA GLY A 358 -21.29 -30.31 -12.37
C GLY A 358 -20.67 -29.16 -11.63
N THR A 359 -21.00 -29.04 -10.35
CA THR A 359 -20.60 -27.93 -9.50
C THR A 359 -19.15 -27.49 -9.71
N PHE A 360 -18.24 -28.45 -9.81
CA PHE A 360 -16.81 -28.12 -9.88
C PHE A 360 -16.09 -28.60 -11.13
N GLN A 361 -16.85 -28.94 -12.17
CA GLN A 361 -16.30 -29.52 -13.40
C GLN A 361 -15.09 -28.81 -14.02
N GLY A 362 -15.25 -27.54 -14.38
CA GLY A 362 -14.23 -26.90 -15.18
C GLY A 362 -12.94 -26.48 -14.49
N LEU A 363 -12.78 -26.84 -13.21
CA LEU A 363 -11.72 -26.23 -12.40
C LEU A 363 -10.37 -26.94 -12.48
N ILE A 364 -9.59 -26.60 -13.50
CA ILE A 364 -8.37 -27.33 -13.82
C ILE A 364 -7.15 -26.69 -13.19
N SER A 365 -7.37 -25.57 -12.52
CA SER A 365 -6.31 -24.96 -11.72
C SER A 365 -6.62 -25.05 -10.21
N LEU A 366 -7.75 -25.68 -9.87
CA LEU A 366 -8.18 -25.73 -8.47
C LEU A 366 -7.17 -26.48 -7.59
N ARG A 367 -6.66 -25.78 -6.57
CA ARG A 367 -5.69 -26.37 -5.66
C ARG A 367 -6.31 -26.51 -4.28
N ILE A 368 -7.05 -25.47 -3.88
CA ILE A 368 -7.64 -25.40 -2.57
C ILE A 368 -9.14 -25.18 -2.63
N LEU A 369 -9.89 -26.05 -1.95
CA LEU A 369 -11.33 -25.93 -1.87
C LEU A 369 -11.80 -26.18 -0.44
N ASP A 370 -12.35 -25.14 0.17
CA ASP A 370 -12.85 -25.20 1.54
C ASP A 370 -14.38 -25.14 1.58
N LEU A 371 -14.99 -26.23 2.05
CA LEU A 371 -16.43 -26.35 2.11
C LEU A 371 -16.86 -26.72 3.52
N SER A 372 -15.98 -26.49 4.49
CA SER A 372 -16.28 -26.82 5.86
C SER A 372 -17.41 -25.97 6.40
N ARG A 373 -18.00 -26.42 7.49
CA ARG A 373 -19.05 -25.70 8.19
C ARG A 373 -20.22 -25.31 7.30
N ASN A 374 -20.77 -26.30 6.63
CA ASN A 374 -21.99 -26.16 5.86
C ASN A 374 -22.97 -27.23 6.31
N LEU A 375 -23.94 -27.59 5.48
CA LEU A 375 -24.90 -28.63 5.84
C LEU A 375 -24.92 -29.74 4.79
N ILE A 376 -23.75 -30.08 4.28
CA ILE A 376 -23.70 -30.96 3.13
C ILE A 376 -23.99 -32.40 3.56
N HIS A 377 -25.02 -32.99 2.97
CA HIS A 377 -25.38 -34.36 3.29
C HIS A 377 -25.08 -35.31 2.12
N GLU A 378 -24.88 -34.75 0.94
CA GLU A 378 -24.70 -35.57 -0.27
C GLU A 378 -23.69 -34.92 -1.19
N ILE A 379 -22.67 -35.69 -1.56
CA ILE A 379 -21.72 -35.25 -2.58
C ILE A 379 -21.73 -36.28 -3.67
N HIS A 380 -22.00 -35.85 -4.90
CA HIS A 380 -22.09 -36.79 -6.02
C HIS A 380 -20.77 -37.56 -6.16
N SER A 381 -20.89 -38.85 -6.50
CA SER A 381 -19.73 -39.72 -6.61
C SER A 381 -18.63 -39.19 -7.55
N ARG A 382 -19.04 -38.49 -8.59
CA ARG A 382 -18.07 -37.97 -9.57
C ARG A 382 -17.88 -36.46 -9.42
N ALA A 383 -18.18 -35.93 -8.24
CA ALA A 383 -18.09 -34.49 -8.01
C ALA A 383 -16.68 -33.95 -8.24
N PHE A 384 -15.66 -34.75 -7.99
CA PHE A 384 -14.30 -34.23 -8.14
C PHE A 384 -13.53 -34.89 -9.28
N ALA A 385 -14.22 -35.73 -10.03
CA ALA A 385 -13.60 -36.49 -11.12
C ALA A 385 -12.77 -35.60 -12.03
N THR A 386 -13.40 -34.59 -12.59
CA THR A 386 -12.75 -33.72 -13.56
C THR A 386 -12.00 -32.57 -12.90
N LEU A 387 -11.19 -32.88 -11.89
CA LEU A 387 -10.37 -31.85 -11.26
C LEU A 387 -8.92 -31.89 -11.71
N GLY A 388 -8.21 -30.80 -11.46
CA GLY A 388 -6.81 -30.72 -11.80
C GLY A 388 -5.93 -31.11 -10.62
N PRO A 389 -5.07 -30.18 -10.21
CA PRO A 389 -4.06 -30.44 -9.17
C PRO A 389 -4.63 -30.22 -7.78
N ILE A 390 -5.84 -30.72 -7.51
CA ILE A 390 -6.47 -30.50 -6.21
C ILE A 390 -5.61 -31.03 -5.06
N THR A 391 -5.23 -30.12 -4.19
CA THR A 391 -4.18 -30.37 -3.23
C THR A 391 -4.76 -30.42 -1.83
N ASN A 392 -5.83 -29.68 -1.62
CA ASN A 392 -6.29 -29.38 -0.30
C ASN A 392 -7.80 -29.32 -0.30
N LEU A 393 -8.43 -30.28 0.39
CA LEU A 393 -9.88 -30.35 0.43
C LEU A 393 -10.40 -30.45 1.85
N ASP A 394 -11.22 -29.47 2.23
CA ASP A 394 -11.77 -29.39 3.57
C ASP A 394 -13.28 -29.48 3.50
N VAL A 395 -13.82 -30.61 3.94
CA VAL A 395 -15.27 -30.75 4.02
C VAL A 395 -15.67 -31.13 5.43
N SER A 396 -14.95 -30.58 6.40
CA SER A 396 -15.18 -30.87 7.81
C SER A 396 -16.47 -30.22 8.31
N PHE A 397 -17.02 -30.74 9.41
CA PHE A 397 -18.24 -30.20 10.02
C PHE A 397 -19.35 -29.98 9.03
N ASN A 398 -19.67 -31.05 8.31
CA ASN A 398 -20.84 -31.08 7.46
C ASN A 398 -21.73 -32.24 7.91
N GLU A 399 -22.52 -32.79 7.00
CA GLU A 399 -23.41 -33.87 7.37
C GLU A 399 -23.25 -35.09 6.49
N LEU A 400 -22.00 -35.42 6.18
CA LEU A 400 -21.70 -36.54 5.29
C LEU A 400 -21.95 -37.90 5.95
N THR A 401 -22.37 -38.88 5.15
CA THR A 401 -22.46 -40.26 5.62
C THR A 401 -21.52 -41.10 4.79
N SER A 402 -21.11 -40.54 3.64
CA SER A 402 -20.10 -41.16 2.81
C SER A 402 -19.29 -40.07 2.12
N PHE A 403 -18.23 -40.48 1.45
CA PHE A 403 -17.32 -39.51 0.86
C PHE A 403 -16.67 -40.11 -0.36
N PRO A 404 -16.73 -39.41 -1.49
CA PRO A 404 -16.22 -39.92 -2.76
C PRO A 404 -14.70 -39.86 -2.81
N THR A 405 -14.08 -40.73 -3.59
CA THR A 405 -12.63 -40.73 -3.66
C THR A 405 -12.13 -40.29 -5.04
N GLU A 406 -12.99 -40.42 -6.04
CA GLU A 406 -12.57 -40.23 -7.42
C GLU A 406 -12.04 -38.83 -7.74
N GLY A 407 -10.77 -38.75 -8.12
CA GLY A 407 -10.16 -37.49 -8.51
C GLY A 407 -9.40 -36.85 -7.38
N LEU A 408 -9.26 -37.59 -6.27
CA LEU A 408 -8.74 -37.00 -5.05
C LEU A 408 -7.42 -37.62 -4.59
N ASN A 409 -6.81 -38.43 -5.44
CA ASN A 409 -5.61 -39.16 -5.07
C ASN A 409 -4.39 -38.27 -4.95
N GLY A 410 -4.53 -37.03 -5.42
CA GLY A 410 -3.42 -36.10 -5.36
C GLY A 410 -3.48 -35.22 -4.14
N LEU A 411 -4.48 -35.44 -3.29
CA LEU A 411 -4.65 -34.62 -2.10
C LEU A 411 -3.46 -34.74 -1.15
N ASN A 412 -2.98 -33.61 -0.66
CA ASN A 412 -2.00 -33.58 0.41
C ASN A 412 -2.76 -33.48 1.73
N GLN A 413 -3.84 -32.71 1.70
CA GLN A 413 -4.59 -32.40 2.90
C GLN A 413 -6.07 -32.70 2.71
N LEU A 414 -6.64 -33.44 3.66
CA LEU A 414 -8.05 -33.76 3.66
C LEU A 414 -8.62 -33.66 5.06
N LYS A 415 -9.62 -32.80 5.22
CA LYS A 415 -10.29 -32.66 6.51
C LYS A 415 -11.72 -33.21 6.47
N LEU A 416 -12.01 -34.18 7.34
CA LEU A 416 -13.29 -34.84 7.35
C LEU A 416 -13.90 -34.88 8.75
N VAL A 417 -13.17 -34.30 9.71
CA VAL A 417 -13.64 -34.26 11.09
C VAL A 417 -14.97 -33.51 11.19
N GLY A 418 -15.82 -33.92 12.14
CA GLY A 418 -17.07 -33.24 12.38
C GLY A 418 -18.21 -33.77 11.54
N ASN A 419 -17.96 -34.83 10.76
CA ASN A 419 -19.04 -35.54 10.11
C ASN A 419 -19.40 -36.76 10.94
N PHE A 420 -20.27 -36.56 11.92
CA PHE A 420 -20.47 -37.56 12.95
C PHE A 420 -21.10 -38.86 12.48
N LYS A 421 -21.77 -38.81 11.35
CA LYS A 421 -22.37 -40.02 10.81
C LYS A 421 -21.53 -40.58 9.68
N LEU A 422 -20.28 -40.12 9.58
CA LEU A 422 -19.41 -40.62 8.52
C LEU A 422 -18.74 -41.89 9.02
N LYS A 423 -19.13 -43.02 8.44
CA LYS A 423 -18.77 -44.32 8.99
C LYS A 423 -17.58 -44.94 8.26
N GLU A 424 -17.48 -44.69 6.97
CA GLU A 424 -16.45 -45.34 6.16
C GLU A 424 -15.05 -44.88 6.54
N ALA A 425 -14.10 -45.81 6.48
CA ALA A 425 -12.70 -45.47 6.66
C ALA A 425 -12.05 -45.40 5.28
N LEU A 426 -11.03 -44.56 5.15
CA LEU A 426 -10.34 -44.39 3.89
C LEU A 426 -9.25 -45.43 3.72
N ALA A 427 -9.04 -45.87 2.48
CA ALA A 427 -7.92 -46.75 2.19
C ALA A 427 -6.71 -45.92 1.81
N ALA A 428 -5.55 -46.25 2.36
CA ALA A 428 -4.31 -45.53 2.07
C ALA A 428 -3.99 -45.49 0.58
N LYS A 429 -4.40 -46.53 -0.16
CA LYS A 429 -4.08 -46.62 -1.57
C LYS A 429 -4.73 -45.51 -2.40
N ASP A 430 -5.96 -45.15 -2.07
CA ASP A 430 -6.66 -44.07 -2.78
C ASP A 430 -6.04 -42.69 -2.49
N PHE A 431 -5.15 -42.62 -1.51
CA PHE A 431 -4.59 -41.34 -1.10
C PHE A 431 -3.10 -41.47 -0.79
N VAL A 432 -2.32 -41.77 -1.81
CA VAL A 432 -0.89 -42.01 -1.61
C VAL A 432 -0.08 -40.72 -1.38
N ASN A 433 -0.72 -39.57 -1.59
CA ASN A 433 -0.02 -38.29 -1.40
C ASN A 433 -0.44 -37.60 -0.11
N LEU A 434 -1.36 -38.23 0.62
CA LEU A 434 -1.86 -37.68 1.86
C LEU A 434 -0.75 -37.47 2.88
N ARG A 435 -0.73 -36.31 3.51
CA ARG A 435 0.25 -36.02 4.55
C ARG A 435 -0.46 -35.58 5.81
N SER A 436 -1.66 -35.05 5.64
CA SER A 436 -2.42 -34.52 6.76
C SER A 436 -3.92 -34.86 6.58
N LEU A 437 -4.45 -35.62 7.54
CA LEU A 437 -5.83 -36.10 7.48
C LEU A 437 -6.52 -35.89 8.81
N SER A 438 -7.73 -35.35 8.78
CA SER A 438 -8.58 -35.39 9.95
C SER A 438 -9.85 -36.19 9.66
N VAL A 439 -10.26 -36.99 10.63
CA VAL A 439 -11.42 -37.86 10.50
C VAL A 439 -12.25 -37.76 11.78
N PRO A 440 -13.54 -38.15 11.72
CA PRO A 440 -14.35 -38.00 12.95
C PRO A 440 -14.03 -39.00 14.08
N TYR A 441 -13.51 -40.17 13.76
CA TYR A 441 -13.29 -41.18 14.79
C TYR A 441 -11.92 -41.82 14.72
N ALA A 442 -11.41 -42.22 15.88
CA ALA A 442 -10.06 -42.77 15.99
C ALA A 442 -9.84 -43.99 15.13
N TYR A 443 -10.83 -44.88 15.04
CA TYR A 443 -10.68 -46.09 14.25
C TYR A 443 -10.45 -45.77 12.77
N GLN A 444 -10.80 -44.56 12.35
CA GLN A 444 -10.59 -44.16 10.97
C GLN A 444 -9.16 -43.70 10.66
N CYS A 445 -8.27 -43.74 11.66
CA CYS A 445 -6.84 -43.50 11.43
C CYS A 445 -6.05 -44.79 11.31
N CYS A 446 -6.66 -45.93 11.63
CA CYS A 446 -5.93 -47.20 11.74
C CYS A 446 -5.18 -47.62 10.47
N ALA A 447 -5.71 -47.24 9.32
CA ALA A 447 -5.02 -47.40 8.05
C ALA A 447 -3.66 -46.74 8.16
N PHE A 448 -3.70 -45.47 8.54
CA PHE A 448 -2.51 -44.62 8.53
C PHE A 448 -1.66 -44.74 9.79
N TRP A 449 -2.07 -45.62 10.71
CA TRP A 449 -1.27 -45.95 11.90
C TRP A 449 -0.96 -47.45 11.83
N GLY A 450 -0.70 -48.06 12.98
CA GLY A 450 -0.48 -49.50 12.99
C GLY A 450 -1.70 -50.33 13.37
N CYS A 451 -2.70 -49.70 13.98
CA CYS A 451 -3.82 -50.42 14.56
C CYS A 451 -4.74 -51.11 13.54
N ILE A 495 2.80 -38.30 7.63
CA ILE A 495 1.34 -38.49 7.62
C ILE A 495 0.72 -38.33 9.01
N HIS A 496 0.20 -37.14 9.29
CA HIS A 496 -0.50 -36.92 10.56
C HIS A 496 -2.00 -37.12 10.39
N CYS A 497 -2.50 -38.32 10.70
CA CYS A 497 -3.93 -38.54 10.79
C CYS A 497 -4.43 -38.31 12.20
N THR A 498 -5.46 -37.48 12.36
CA THR A 498 -5.97 -37.14 13.68
C THR A 498 -7.51 -37.11 13.75
N PRO A 499 -8.09 -37.74 14.79
CA PRO A 499 -9.55 -37.70 15.01
C PRO A 499 -9.97 -36.54 15.93
N SER A 500 -8.97 -35.89 16.52
CA SER A 500 -9.18 -34.71 17.37
C SER A 500 -10.05 -33.65 16.71
N THR A 501 -11.16 -33.33 17.36
CA THR A 501 -12.07 -32.28 16.89
C THR A 501 -11.38 -30.92 16.82
N GLY A 502 -10.21 -30.80 17.44
CA GLY A 502 -9.50 -29.54 17.49
C GLY A 502 -10.23 -28.58 18.41
N HIS A 503 -11.11 -29.16 19.22
CA HIS A 503 -11.99 -28.46 20.17
C HIS A 503 -13.14 -27.68 19.52
N HIS A 504 -13.34 -27.87 18.21
CA HIS A 504 -14.44 -27.21 17.49
C HIS A 504 -15.75 -27.99 17.61
N ALA B 1 25.63 -4.45 23.38
CA ALA B 1 25.96 -3.07 23.04
C ALA B 1 25.37 -2.70 21.69
N CYS B 2 24.31 -1.91 21.71
CA CYS B 2 23.61 -1.55 20.48
C CYS B 2 24.23 -0.32 19.84
N ALA B 3 24.18 -0.25 18.51
CA ALA B 3 24.58 0.96 17.80
C ALA B 3 23.74 2.14 18.27
N LYS B 4 24.22 3.35 17.99
CA LYS B 4 23.53 4.55 18.43
C LYS B 4 22.20 4.70 17.69
N GLY B 5 21.14 4.96 18.45
CA GLY B 5 19.80 5.10 17.90
C GLY B 5 18.99 3.81 17.87
N CYS B 6 19.60 2.71 18.31
CA CYS B 6 18.96 1.41 18.33
C CYS B 6 18.60 1.01 19.75
N GLU B 7 17.31 0.79 19.99
CA GLU B 7 16.83 0.38 21.31
C GLU B 7 17.20 -1.08 21.61
N LEU B 8 16.97 -1.96 20.64
CA LEU B 8 17.12 -3.41 20.86
C LEU B 8 17.85 -4.04 19.67
N CYS B 9 18.89 -4.81 19.94
CA CYS B 9 19.63 -5.44 18.87
C CYS B 9 19.83 -6.92 19.13
N SER B 10 20.37 -7.61 18.14
CA SER B 10 20.81 -8.99 18.29
C SER B 10 22.22 -9.05 17.76
N GLU B 11 22.93 -10.09 18.15
CA GLU B 11 24.31 -10.25 17.71
C GLU B 11 24.43 -10.44 16.20
N VAL B 12 23.42 -11.03 15.59
CA VAL B 12 23.50 -11.43 14.18
C VAL B 12 22.56 -10.69 13.21
N ASN B 13 21.47 -10.12 13.74
CA ASN B 13 20.50 -9.47 12.87
C ASN B 13 20.49 -7.94 12.98
N GLY B 14 21.50 -7.38 13.63
CA GLY B 14 21.59 -5.94 13.77
C GLY B 14 20.50 -5.39 14.66
N CYS B 15 19.92 -4.27 14.27
CA CYS B 15 18.89 -3.63 15.06
C CYS B 15 17.51 -4.27 14.88
N LEU B 16 16.84 -4.55 15.99
CA LEU B 16 15.50 -5.13 15.96
C LEU B 16 14.43 -4.06 16.14
N LYS B 17 14.78 -2.96 16.78
CA LYS B 17 13.85 -1.87 17.01
C LYS B 17 14.65 -0.61 17.17
N CYS B 18 14.33 0.41 16.39
CA CYS B 18 15.04 1.69 16.50
C CYS B 18 14.31 2.64 17.43
N SER B 19 15.02 3.69 17.87
CA SER B 19 14.36 4.84 18.49
C SER B 19 13.22 5.31 17.60
N PRO B 20 12.06 5.59 18.19
CA PRO B 20 10.86 5.95 17.43
C PRO B 20 11.09 7.08 16.41
N LYS B 21 11.99 8.01 16.72
CA LYS B 21 12.27 9.11 15.81
C LYS B 21 13.10 8.68 14.58
N LEU B 22 13.87 7.61 14.71
CA LEU B 22 14.65 7.11 13.59
C LEU B 22 13.89 6.10 12.72
N PHE B 23 14.43 5.85 11.53
CA PHE B 23 13.87 4.87 10.60
C PHE B 23 14.72 3.61 10.56
N ILE B 24 14.08 2.45 10.57
CA ILE B 24 14.83 1.21 10.43
C ILE B 24 14.94 0.78 8.97
N LEU B 25 16.14 0.39 8.57
CA LEU B 25 16.40 -0.13 7.24
C LEU B 25 16.98 -1.54 7.36
N LEU B 26 16.46 -2.45 6.54
CA LEU B 26 16.98 -3.79 6.47
C LEU B 26 17.95 -3.95 5.31
N GLU B 27 19.21 -4.24 5.62
CA GLU B 27 20.18 -4.59 4.60
C GLU B 27 20.31 -6.10 4.51
N ARG B 28 20.33 -6.64 3.29
CA ARG B 28 20.70 -8.05 3.08
C ARG B 28 21.51 -8.24 1.79
N ASN B 29 22.81 -7.96 1.89
CA ASN B 29 23.76 -8.18 0.82
C ASN B 29 24.69 -9.27 1.33
N ASP B 30 24.12 -10.46 1.52
CA ASP B 30 24.40 -11.17 2.74
C ASP B 30 24.26 -12.68 2.82
N ILE B 31 23.86 -13.05 4.04
CA ILE B 31 23.64 -14.38 4.50
C ILE B 31 22.28 -14.28 5.16
N ARG B 32 21.88 -13.03 5.44
CA ARG B 32 20.71 -12.72 6.26
C ARG B 32 20.44 -11.21 6.28
N GLN B 33 19.35 -10.81 6.92
CA GLN B 33 19.01 -9.39 7.05
C GLN B 33 19.68 -8.74 8.26
N VAL B 34 20.14 -7.51 8.08
CA VAL B 34 20.77 -6.75 9.16
C VAL B 34 20.12 -5.38 9.32
N GLY B 35 19.48 -5.16 10.45
CA GLY B 35 18.74 -3.94 10.66
C GLY B 35 19.64 -2.79 11.08
N VAL B 36 19.39 -1.62 10.50
CA VAL B 36 20.20 -0.46 10.83
C VAL B 36 19.31 0.78 11.03
N CYS B 37 19.74 1.73 11.86
CA CYS B 37 18.90 2.89 12.16
C CYS B 37 19.36 4.18 11.49
N LEU B 38 18.41 4.92 10.91
CA LEU B 38 18.71 6.11 10.13
C LEU B 38 17.75 7.25 10.44
N PRO B 39 18.25 8.49 10.45
CA PRO B 39 17.40 9.67 10.65
C PRO B 39 16.54 9.92 9.42
N SER B 40 17.07 9.53 8.25
CA SER B 40 16.35 9.64 6.99
C SER B 40 16.89 8.58 6.01
N CYS B 41 16.05 8.10 5.11
CA CYS B 41 16.43 6.95 4.31
C CYS B 41 17.29 7.36 3.13
N PRO B 42 18.20 6.47 2.70
CA PRO B 42 19.07 6.77 1.56
C PRO B 42 18.30 6.73 0.24
N PRO B 43 18.93 7.23 -0.84
CA PRO B 43 18.23 7.16 -2.13
C PRO B 43 18.04 5.71 -2.56
N GLY B 44 16.94 5.41 -3.26
CA GLY B 44 16.54 4.04 -3.53
C GLY B 44 15.49 3.57 -2.53
N TYR B 45 15.32 4.35 -1.46
CA TYR B 45 14.33 4.06 -0.43
C TYR B 45 13.49 5.30 -0.22
N PHE B 46 12.31 5.15 0.37
CA PHE B 46 11.57 6.32 0.86
C PHE B 46 11.23 6.23 2.36
N ASP B 47 11.24 7.37 3.05
CA ASP B 47 10.87 7.46 4.46
C ASP B 47 9.39 7.11 4.64
N ALA B 48 9.09 6.00 5.33
CA ALA B 48 7.71 5.61 5.56
C ALA B 48 7.35 5.68 7.03
N ARG B 49 6.50 6.63 7.38
CA ARG B 49 6.09 6.83 8.77
C ARG B 49 4.86 6.01 9.10
N ASN B 50 5.07 4.71 9.23
CA ASN B 50 4.00 3.74 9.44
C ASN B 50 3.52 3.67 10.87
N PRO B 51 2.32 3.09 11.09
CA PRO B 51 1.78 3.05 12.45
C PRO B 51 2.58 2.16 13.41
N ASP B 52 3.20 1.09 12.91
CA ASP B 52 4.00 0.21 13.78
C ASP B 52 5.36 0.82 14.15
N MET B 53 5.94 1.59 13.22
CA MET B 53 7.25 2.25 13.36
C MET B 53 7.67 2.96 12.06
N ASN B 54 8.56 3.94 12.14
CA ASN B 54 9.21 4.49 10.95
C ASN B 54 10.08 3.46 10.21
N LYS B 55 9.86 3.31 8.90
CA LYS B 55 10.61 2.34 8.07
C LYS B 55 11.21 2.99 6.80
N CYS B 56 12.37 2.50 6.38
CA CYS B 56 12.89 2.76 5.04
C CYS B 56 12.38 1.66 4.13
N ILE B 57 11.46 1.99 3.24
CA ILE B 57 10.92 1.02 2.29
C ILE B 57 11.61 1.12 0.94
N LYS B 58 12.07 0.00 0.41
CA LYS B 58 12.75 0.02 -0.88
C LYS B 58 11.84 0.38 -2.07
N CYS B 59 12.38 1.21 -2.97
CA CYS B 59 11.74 1.54 -4.23
C CYS B 59 11.80 0.31 -5.13
N LYS B 60 10.64 -0.11 -5.58
CA LYS B 60 10.56 -1.25 -6.51
C LYS B 60 9.87 -0.80 -7.79
N ILE B 61 10.32 0.32 -8.32
CA ILE B 61 9.77 0.88 -9.55
C ILE B 61 10.75 0.60 -10.67
N GLU B 62 10.29 -0.07 -11.70
CA GLU B 62 11.14 -0.41 -12.84
C GLU B 62 11.94 0.80 -13.30
N HIS B 63 13.26 0.64 -13.27
CA HIS B 63 14.23 1.60 -13.82
C HIS B 63 14.44 2.85 -12.96
N CYS B 64 13.90 2.83 -11.74
CA CYS B 64 13.97 4.00 -10.87
C CYS B 64 15.24 4.01 -10.03
N GLU B 65 15.71 5.21 -9.69
CA GLU B 65 16.89 5.37 -8.85
C GLU B 65 16.53 5.96 -7.48
N ALA B 66 15.49 6.78 -7.46
CA ALA B 66 14.99 7.38 -6.21
C ALA B 66 13.50 7.65 -6.37
N CYS B 67 12.75 7.48 -5.29
CA CYS B 67 11.31 7.63 -5.40
C CYS B 67 10.71 8.46 -4.27
N PHE B 68 9.49 8.94 -4.53
CA PHE B 68 8.67 9.68 -3.57
C PHE B 68 7.81 8.72 -2.77
N SER B 69 7.32 7.67 -3.44
CA SER B 69 6.47 6.68 -2.80
C SER B 69 6.59 5.38 -3.58
N HIS B 70 5.79 4.38 -3.23
CA HIS B 70 5.92 3.07 -3.89
C HIS B 70 5.66 3.14 -5.39
N ASN B 71 4.88 4.09 -5.86
CA ASN B 71 4.53 4.14 -7.27
C ASN B 71 4.84 5.47 -7.95
N PHE B 72 5.67 6.28 -7.33
CA PHE B 72 6.06 7.53 -7.96
C PHE B 72 7.56 7.78 -7.83
N CYS B 73 8.21 7.83 -8.99
CA CYS B 73 9.66 7.99 -9.09
C CYS B 73 10.06 9.46 -9.21
N THR B 74 11.13 9.84 -8.51
CA THR B 74 11.67 11.19 -8.58
C THR B 74 12.95 11.29 -9.42
N LYS B 75 13.61 10.17 -9.63
CA LYS B 75 14.77 10.12 -10.49
C LYS B 75 14.95 8.72 -11.10
N CYS B 76 14.97 8.70 -12.43
CA CYS B 76 15.18 7.48 -13.20
C CYS B 76 16.67 7.14 -13.30
N LYS B 77 17.00 5.90 -13.60
CA LYS B 77 18.37 5.54 -13.98
C LYS B 77 18.83 6.43 -15.15
N GLU B 78 20.14 6.62 -15.26
CA GLU B 78 20.68 7.49 -16.30
C GLU B 78 20.29 7.04 -17.70
N GLY B 79 19.80 7.99 -18.49
CA GLY B 79 19.45 7.74 -19.88
C GLY B 79 18.01 7.33 -20.07
N LEU B 80 17.26 7.23 -18.98
CA LEU B 80 15.85 6.90 -19.06
C LEU B 80 14.96 8.13 -19.07
N TYR B 81 13.74 7.97 -19.57
CA TYR B 81 12.81 9.08 -19.67
C TYR B 81 11.80 9.09 -18.52
N LEU B 82 11.75 10.20 -17.80
CA LEU B 82 10.88 10.28 -16.64
C LEU B 82 9.58 10.93 -17.05
N HIS B 83 8.48 10.20 -16.86
CA HIS B 83 7.16 10.72 -17.22
C HIS B 83 6.17 10.38 -16.14
N LYS B 84 5.60 11.41 -15.51
CA LYS B 84 4.62 11.23 -14.45
C LYS B 84 4.99 10.12 -13.44
N GLY B 85 6.22 10.19 -12.92
CA GLY B 85 6.65 9.31 -11.84
C GLY B 85 6.99 7.90 -12.28
N ARG B 86 7.04 7.69 -13.59
CA ARG B 86 7.47 6.42 -14.13
C ARG B 86 8.63 6.60 -15.12
N CYS B 87 9.40 5.52 -15.31
CA CYS B 87 10.61 5.56 -16.12
C CYS B 87 10.47 4.70 -17.38
N TYR B 88 10.84 5.27 -18.52
CA TYR B 88 10.53 4.66 -19.81
C TYR B 88 11.72 4.67 -20.76
N PRO B 89 11.92 3.57 -21.47
CA PRO B 89 12.93 3.48 -22.53
C PRO B 89 12.53 4.32 -23.73
N ALA B 90 12.94 5.59 -23.75
CA ALA B 90 12.58 6.48 -24.86
C ALA B 90 13.45 7.73 -24.92
#